data_7M6C
#
_entry.id   7M6C
#
_cell.length_a   36.400
_cell.length_b   58.360
_cell.length_c   64.460
_cell.angle_alpha   90.000
_cell.angle_beta   90.000
_cell.angle_gamma   90.000
#
_symmetry.space_group_name_H-M   'P 2 21 21'
#
loop_
_entity.id
_entity.type
_entity.pdbx_description
1 polymer 'Basic phospholipase A2'
2 non-polymer 'LAURIC ACID'
3 water water
#
_entity_poly.entity_id   1
_entity_poly.type   'polypeptide(L)'
_entity_poly.pdbx_seq_one_letter_code
;MRTLWIMAVLLVGVEGSLVELGKMILQETGKNPVTSYGAYGCNCGVLGRGKPKDATDRCCSVHKCCYKKMTGCNPKKDRY
SYSWKDKTIVCDENNPCLKELCECDKAVAICLRENLDTYNEKYKKYYKKPLCKKADPC
;
_entity_poly.pdbx_strand_id   A
#
loop_
_chem_comp.id
_chem_comp.type
_chem_comp.name
_chem_comp.formula
DAO non-polymer 'LAURIC ACID' 'C12 H24 O2'
#
# COMPACT_ATOMS: atom_id res chain seq x y z
N SER A 17 6.00 1.13 -9.52
CA SER A 17 7.16 0.88 -8.56
C SER A 17 6.95 1.68 -7.27
N LEU A 18 7.91 1.50 -6.34
CA LEU A 18 7.88 2.20 -5.07
C LEU A 18 7.68 3.68 -5.35
N VAL A 19 8.22 4.16 -6.47
CA VAL A 19 8.13 5.58 -6.74
C VAL A 19 6.67 6.02 -6.90
N GLU A 20 5.89 5.34 -7.75
CA GLU A 20 4.53 5.79 -8.01
C GLU A 20 3.69 5.51 -6.77
N LEU A 21 3.94 4.37 -6.13
CA LEU A 21 3.20 3.95 -4.94
C LEU A 21 3.34 5.05 -3.88
N GLY A 22 4.58 5.54 -3.72
CA GLY A 22 4.85 6.55 -2.68
C GLY A 22 4.07 7.82 -2.98
N LYS A 23 4.15 8.25 -4.25
CA LYS A 23 3.49 9.47 -4.70
C LYS A 23 1.98 9.37 -4.48
N MET A 24 1.37 8.22 -4.82
CA MET A 24 -0.08 8.08 -4.64
C MET A 24 -0.46 8.15 -3.15
N ILE A 25 0.34 7.52 -2.27
CA ILE A 25 0.03 7.53 -0.83
C ILE A 25 0.08 8.96 -0.32
N LEU A 26 1.15 9.64 -0.72
CA LEU A 26 1.39 11.02 -0.36
C LEU A 26 0.26 11.91 -0.87
N GLN A 27 -0.16 11.71 -2.11
CA GLN A 27 -1.28 12.48 -2.69
C GLN A 27 -2.60 12.23 -1.95
N GLU A 28 -2.92 10.96 -1.65
CA GLU A 28 -4.21 10.64 -1.06
C GLU A 28 -4.24 10.95 0.44
N THR A 29 -3.11 10.79 1.14
CA THR A 29 -3.15 10.82 2.59
C THR A 29 -2.61 12.12 3.15
N GLY A 30 -1.79 12.83 2.35
CA GLY A 30 -1.13 14.04 2.81
C GLY A 30 0.02 13.71 3.76
N LYS A 31 0.49 12.44 3.77
CA LYS A 31 1.52 12.10 4.72
C LYS A 31 2.74 11.59 3.99
N ASN A 32 3.92 11.80 4.57
CA ASN A 32 5.14 11.20 4.08
C ASN A 32 4.97 9.69 4.17
N PRO A 33 5.00 8.95 3.04
CA PRO A 33 4.72 7.51 3.04
C PRO A 33 5.70 6.68 3.85
N VAL A 34 7.00 6.98 3.71
CA VAL A 34 8.03 6.18 4.37
C VAL A 34 7.93 6.33 5.89
N THR A 35 7.75 7.56 6.39
CA THR A 35 7.80 7.72 7.82
C THR A 35 6.50 7.21 8.42
N SER A 36 5.37 7.45 7.74
CA SER A 36 4.03 7.17 8.24
C SER A 36 3.62 5.70 8.08
N TYR A 37 4.06 5.04 7.00
CA TYR A 37 3.57 3.71 6.66
C TYR A 37 4.71 2.72 6.45
N GLY A 38 5.96 3.22 6.50
CA GLY A 38 7.14 2.40 6.19
C GLY A 38 7.33 1.19 7.11
N ALA A 39 6.81 1.29 8.32
CA ALA A 39 6.95 0.17 9.25
C ALA A 39 5.69 0.07 10.10
N TYR A 40 4.52 0.33 9.52
CA TYR A 40 3.30 0.43 10.31
C TYR A 40 2.67 -0.95 10.47
N GLY A 41 2.37 -1.30 11.74
CA GLY A 41 1.60 -2.49 12.08
C GLY A 41 2.23 -3.78 11.55
N CYS A 42 1.42 -4.83 11.30
CA CYS A 42 1.96 -6.13 10.93
C CYS A 42 2.18 -6.24 9.42
N ASN A 43 1.70 -5.27 8.61
CA ASN A 43 1.81 -5.49 7.17
C ASN A 43 2.39 -4.33 6.37
N CYS A 44 2.35 -3.11 6.88
CA CYS A 44 2.75 -1.95 6.07
C CYS A 44 4.28 -1.90 6.00
N GLY A 45 4.84 -1.70 4.81
CA GLY A 45 6.23 -1.28 4.66
C GLY A 45 7.20 -2.47 4.63
N VAL A 46 8.22 -2.43 5.51
CA VAL A 46 9.30 -3.41 5.55
C VAL A 46 8.74 -4.77 6.02
N LEU A 47 9.40 -5.83 5.54
CA LEU A 47 9.15 -7.23 5.92
C LEU A 47 7.86 -7.74 5.25
N GLY A 48 7.10 -8.61 5.91
CA GLY A 48 6.07 -9.31 5.18
C GLY A 48 4.67 -8.91 5.65
N ARG A 49 3.87 -9.94 5.91
CA ARG A 49 2.48 -9.78 6.29
C ARG A 49 2.31 -10.40 7.67
N GLY A 50 1.15 -10.09 8.29
CA GLY A 50 0.78 -10.70 9.54
C GLY A 50 -0.63 -10.24 9.88
N LYS A 51 -1.23 -10.83 10.91
CA LYS A 51 -2.62 -10.50 11.21
C LYS A 51 -2.73 -8.97 11.41
N PRO A 52 -3.66 -8.26 10.74
CA PRO A 52 -3.71 -6.79 10.82
C PRO A 52 -4.12 -6.30 12.21
N LYS A 53 -3.41 -5.26 12.67
CA LYS A 53 -3.67 -4.64 13.96
C LYS A 53 -4.90 -3.76 13.88
N ASP A 54 -5.19 -3.19 12.70
CA ASP A 54 -6.25 -2.19 12.53
C ASP A 54 -6.53 -2.01 11.03
N ALA A 55 -7.41 -1.07 10.67
CA ALA A 55 -7.88 -0.98 9.30
C ALA A 55 -6.77 -0.47 8.36
N THR A 56 -5.99 0.52 8.82
CA THR A 56 -4.81 0.98 8.09
C THR A 56 -3.92 -0.23 7.75
N ASP A 57 -3.66 -1.07 8.77
CA ASP A 57 -2.72 -2.18 8.58
C ASP A 57 -3.33 -3.17 7.56
N ARG A 58 -4.66 -3.35 7.60
CA ARG A 58 -5.33 -4.28 6.70
CA ARG A 58 -5.35 -4.26 6.70
C ARG A 58 -5.24 -3.80 5.26
N CYS A 59 -5.29 -2.47 5.05
CA CYS A 59 -5.03 -1.95 3.70
C CYS A 59 -3.72 -2.49 3.15
N CYS A 60 -2.63 -2.49 3.96
CA CYS A 60 -1.33 -2.99 3.53
C CYS A 60 -1.30 -4.49 3.26
N SER A 61 -2.08 -5.26 4.05
CA SER A 61 -2.17 -6.69 3.83
C SER A 61 -2.85 -6.96 2.48
N VAL A 62 -3.97 -6.30 2.25
CA VAL A 62 -4.64 -6.39 0.97
C VAL A 62 -3.71 -5.97 -0.17
N HIS A 63 -2.93 -4.89 0.04
CA HIS A 63 -2.02 -4.40 -0.99
C HIS A 63 -0.94 -5.45 -1.33
N LYS A 64 -0.36 -6.09 -0.32
CA LYS A 64 0.68 -7.08 -0.53
C LYS A 64 0.09 -8.28 -1.27
N CYS A 65 -1.16 -8.65 -0.95
CA CYS A 65 -1.86 -9.70 -1.65
C CYS A 65 -2.01 -9.33 -3.12
N CYS A 66 -2.37 -8.06 -3.35
CA CYS A 66 -2.64 -7.62 -4.71
C CYS A 66 -1.40 -7.84 -5.56
N TYR A 67 -0.23 -7.56 -5.00
CA TYR A 67 1.01 -7.66 -5.74
C TYR A 67 1.21 -9.09 -6.27
N LYS A 68 0.58 -10.08 -5.63
CA LYS A 68 0.74 -11.47 -6.06
C LYS A 68 0.06 -11.73 -7.40
N LYS A 69 -0.88 -10.89 -7.82
CA LYS A 69 -1.58 -11.13 -9.07
C LYS A 69 -0.70 -10.79 -10.29
N MET A 70 0.30 -9.91 -10.14
CA MET A 70 1.13 -9.59 -11.29
C MET A 70 2.23 -10.64 -11.48
N THR A 71 2.16 -11.31 -12.63
CA THR A 71 3.18 -12.26 -13.03
C THR A 71 4.22 -11.57 -13.92
N GLY A 72 3.74 -10.79 -14.90
CA GLY A 72 4.60 -10.33 -15.99
C GLY A 72 5.31 -9.01 -15.72
N CYS A 73 5.24 -8.51 -14.48
CA CYS A 73 5.89 -7.23 -14.17
C CYS A 73 6.26 -7.19 -12.69
N ASN A 74 7.20 -6.31 -12.35
CA ASN A 74 7.77 -6.28 -11.03
C ASN A 74 7.13 -5.14 -10.23
N PRO A 75 6.23 -5.45 -9.26
CA PRO A 75 5.59 -4.40 -8.47
C PRO A 75 6.57 -3.39 -7.86
N LYS A 76 7.80 -3.82 -7.56
CA LYS A 76 8.67 -2.94 -6.79
C LYS A 76 9.50 -2.07 -7.74
N LYS A 77 9.72 -2.58 -8.94
CA LYS A 77 10.73 -1.98 -9.80
C LYS A 77 10.07 -1.27 -10.98
N ASP A 78 8.97 -1.82 -11.50
CA ASP A 78 8.56 -1.38 -12.82
C ASP A 78 7.79 -0.08 -12.68
N ARG A 79 8.26 0.98 -13.38
CA ARG A 79 7.60 2.26 -13.35
C ARG A 79 6.33 2.17 -14.21
N TYR A 80 5.37 3.08 -13.98
CA TYR A 80 4.20 3.16 -14.84
C TYR A 80 3.68 4.58 -14.81
N SER A 81 2.74 4.85 -15.72
CA SER A 81 2.03 6.11 -15.90
C SER A 81 0.71 6.08 -15.14
N TYR A 82 0.41 7.18 -14.47
CA TYR A 82 -0.94 7.37 -13.98
C TYR A 82 -1.17 8.87 -13.96
N SER A 83 -2.44 9.29 -13.82
CA SER A 83 -2.84 10.69 -13.70
C SER A 83 -3.44 10.97 -12.33
N TRP A 84 -3.08 12.15 -11.81
CA TRP A 84 -3.62 12.68 -10.56
C TRP A 84 -4.45 13.92 -10.90
N LYS A 85 -5.69 13.71 -11.30
CA LYS A 85 -6.51 14.80 -11.79
C LYS A 85 -7.86 14.75 -11.09
N ASP A 86 -8.23 15.87 -10.42
CA ASP A 86 -9.53 16.03 -9.77
C ASP A 86 -9.57 15.31 -8.43
N LYS A 87 -8.44 15.30 -7.69
CA LYS A 87 -8.34 14.54 -6.45
C LYS A 87 -8.55 13.05 -6.71
N THR A 88 -8.46 12.59 -7.98
CA THR A 88 -8.57 11.17 -8.30
C THR A 88 -7.30 10.66 -8.97
N ILE A 89 -7.02 9.36 -8.80
CA ILE A 89 -5.94 8.66 -9.47
C ILE A 89 -6.54 7.93 -10.66
N VAL A 90 -5.89 8.01 -11.84
CA VAL A 90 -6.39 7.27 -13.01
C VAL A 90 -5.21 6.51 -13.60
N CYS A 91 -5.37 5.20 -13.74
CA CYS A 91 -4.28 4.36 -14.23
C CYS A 91 -4.34 4.30 -15.76
N ASP A 92 -3.31 4.78 -16.46
CA ASP A 92 -3.49 4.93 -17.90
C ASP A 92 -2.56 4.06 -18.77
N GLU A 93 -1.88 3.05 -18.24
CA GLU A 93 -1.09 2.14 -19.08
C GLU A 93 -2.04 1.22 -19.84
N ASN A 94 -1.73 0.93 -21.12
CA ASN A 94 -2.51 -0.05 -21.84
C ASN A 94 -2.00 -1.44 -21.48
N ASN A 95 -0.74 -1.48 -21.05
CA ASN A 95 -0.14 -2.76 -20.72
C ASN A 95 -0.91 -3.35 -19.53
N PRO A 96 -1.54 -4.55 -19.64
CA PRO A 96 -2.38 -5.07 -18.56
C PRO A 96 -1.73 -5.25 -17.19
N CYS A 97 -0.49 -5.74 -17.16
CA CYS A 97 0.22 -5.93 -15.91
C CYS A 97 0.51 -4.58 -15.25
N LEU A 98 0.98 -3.58 -16.02
CA LEU A 98 1.28 -2.30 -15.41
C LEU A 98 0.01 -1.57 -14.98
N LYS A 99 -1.11 -1.82 -15.69
CA LYS A 99 -2.40 -1.26 -15.38
C LYS A 99 -2.89 -1.84 -14.05
N GLU A 100 -2.70 -3.16 -13.91
CA GLU A 100 -3.14 -3.85 -12.70
C GLU A 100 -2.28 -3.46 -11.49
N LEU A 101 -0.99 -3.26 -11.75
CA LEU A 101 -0.06 -2.83 -10.74
C LEU A 101 -0.47 -1.45 -10.23
N CYS A 102 -0.75 -0.55 -11.16
CA CYS A 102 -1.18 0.80 -10.82
C CYS A 102 -2.49 0.69 -10.01
N GLU A 103 -3.35 -0.26 -10.37
CA GLU A 103 -4.63 -0.35 -9.69
C GLU A 103 -4.44 -0.85 -8.25
N CYS A 104 -3.47 -1.77 -8.02
CA CYS A 104 -3.07 -2.22 -6.67
C CYS A 104 -2.69 -1.02 -5.83
N ASP A 105 -1.83 -0.16 -6.38
CA ASP A 105 -1.29 0.96 -5.62
C ASP A 105 -2.36 2.02 -5.42
N LYS A 106 -3.21 2.22 -6.45
CA LYS A 106 -4.28 3.18 -6.26
C LYS A 106 -5.15 2.76 -5.08
N ALA A 107 -5.52 1.48 -5.05
CA ALA A 107 -6.39 0.95 -4.02
C ALA A 107 -5.79 1.08 -2.60
N VAL A 108 -4.49 0.85 -2.41
CA VAL A 108 -3.92 1.00 -1.08
C VAL A 108 -3.90 2.48 -0.68
N ALA A 109 -3.56 3.38 -1.61
CA ALA A 109 -3.56 4.81 -1.31
C ALA A 109 -4.95 5.22 -0.86
N ILE A 110 -5.98 4.81 -1.63
CA ILE A 110 -7.36 5.18 -1.30
C ILE A 110 -7.74 4.59 0.05
N CYS A 111 -7.37 3.30 0.27
CA CYS A 111 -7.68 2.61 1.52
C CYS A 111 -7.05 3.33 2.75
N LEU A 112 -5.80 3.72 2.61
CA LEU A 112 -5.13 4.37 3.72
C LEU A 112 -5.77 5.74 4.00
N ARG A 113 -6.10 6.47 2.93
CA ARG A 113 -6.76 7.76 3.15
C ARG A 113 -8.08 7.51 3.89
N GLU A 114 -8.85 6.53 3.43
CA GLU A 114 -10.16 6.20 4.01
C GLU A 114 -10.05 5.89 5.52
N ASN A 115 -8.89 5.43 5.99
CA ASN A 115 -8.73 4.92 7.34
C ASN A 115 -7.86 5.84 8.17
N LEU A 116 -7.66 7.08 7.69
CA LEU A 116 -6.91 8.09 8.42
C LEU A 116 -7.53 8.33 9.80
N ASP A 117 -8.85 8.20 9.91
CA ASP A 117 -9.53 8.48 11.17
C ASP A 117 -9.13 7.46 12.25
N THR A 118 -8.57 6.29 11.89
CA THR A 118 -8.10 5.38 12.93
C THR A 118 -6.59 5.13 12.86
N TYR A 119 -5.87 5.96 12.07
CA TYR A 119 -4.44 5.83 12.01
C TYR A 119 -3.91 5.94 13.44
N ASN A 120 -3.10 4.97 13.87
CA ASN A 120 -2.65 4.99 15.25
C ASN A 120 -1.14 5.11 15.32
N GLU A 121 -0.72 6.21 15.93
CA GLU A 121 0.67 6.58 16.17
C GLU A 121 1.47 5.44 16.78
N LYS A 122 0.85 4.67 17.65
CA LYS A 122 1.54 3.63 18.38
C LYS A 122 1.97 2.50 17.44
N TYR A 123 1.37 2.39 16.24
CA TYR A 123 1.76 1.28 15.36
C TYR A 123 2.73 1.71 14.27
N LYS A 124 3.18 2.96 14.32
CA LYS A 124 3.96 3.56 13.24
C LYS A 124 5.34 2.93 13.17
N LYS A 125 6.02 2.77 14.30
CA LYS A 125 7.38 2.26 14.16
C LYS A 125 7.37 0.88 14.80
N TYR A 126 6.92 -0.12 14.02
CA TYR A 126 6.40 -1.33 14.61
C TYR A 126 7.54 -2.33 14.75
N TYR A 127 8.20 -2.29 15.90
CA TYR A 127 9.25 -3.25 16.23
C TYR A 127 8.58 -4.54 16.69
N LYS A 128 7.25 -4.53 16.88
CA LYS A 128 6.54 -5.74 17.25
C LYS A 128 6.15 -6.59 16.04
N LYS A 129 6.70 -6.31 14.84
CA LYS A 129 6.37 -7.11 13.67
C LYS A 129 6.63 -8.60 13.95
N PRO A 130 7.74 -8.98 14.61
CA PRO A 130 7.95 -10.38 14.99
C PRO A 130 6.99 -11.00 16.01
N LEU A 131 6.11 -10.19 16.60
CA LEU A 131 5.08 -10.73 17.47
C LEU A 131 3.82 -10.93 16.65
N CYS A 132 3.81 -10.52 15.38
CA CYS A 132 2.56 -10.67 14.61
C CYS A 132 2.11 -12.12 14.54
N LYS A 133 0.78 -12.31 14.50
CA LYS A 133 0.18 -13.61 14.29
C LYS A 133 0.04 -13.88 12.78
N LYS A 134 -0.41 -15.07 12.38
CA LYS A 134 -0.58 -15.51 10.99
C LYS A 134 -1.33 -14.48 10.15
N ALA A 135 -0.80 -14.24 8.95
CA ALA A 135 -1.40 -13.29 8.03
C ALA A 135 -2.79 -13.80 7.64
N ASP A 136 -3.66 -12.86 7.25
CA ASP A 136 -4.91 -13.21 6.60
C ASP A 136 -4.62 -13.91 5.28
N PRO A 137 -5.40 -14.95 4.88
CA PRO A 137 -5.28 -15.52 3.54
C PRO A 137 -5.49 -14.45 2.47
N CYS A 138 -4.66 -14.42 1.42
CA CYS A 138 -4.91 -13.53 0.28
C CYS A 138 -6.03 -14.09 -0.57
O1 DAO B . 3.16 -1.94 2.86
O2 DAO B . 1.91 -2.60 1.18
C1 DAO B . 2.56 -1.71 1.83
C2 DAO B . 2.60 -0.27 1.33
C3 DAO B . 3.17 0.73 2.28
C4 DAO B . 4.14 1.63 1.62
C5 DAO B . 5.21 2.15 2.51
C6 DAO B . 6.36 2.69 1.75
C7 DAO B . 6.14 2.73 0.24
C8 DAO B . 6.64 3.99 -0.44
C9 DAO B . 8.09 3.96 -1.02
C10 DAO B . 8.85 5.28 -0.96
C11 DAO B . 10.17 5.47 -1.70
C12 DAO B . 11.40 5.47 -0.81
#